data_4IKN
#
_entry.id   4IKN
#
_cell.length_a   114.454
_cell.length_b   44.301
_cell.length_c   86.013
_cell.angle_alpha   90.000
_cell.angle_beta   127.840
_cell.angle_gamma   90.000
#
_symmetry.space_group_name_H-M   'C 1 2 1'
#
loop_
_entity.id
_entity.type
_entity.pdbx_description
1 polymer 'AP-3 complex subunit mu-1'
2 polymer 'Trans-Golgi network integral membrane protein TGN38'
3 water water
#
loop_
_entity_poly.entity_id
_entity_poly.type
_entity_poly.pdbx_seq_one_letter_code
_entity_poly.pdbx_strand_id
1 'polypeptide(L)'
;GAMDPEFIPWRRAGVKYTNNEAYFDVVEEIDAIIDKSGSTVFAEIQGVIDACIKLSGMPDLSLSFMNPRLLDDVSFHPCI
RFKRWESERVLSFIPPDGNFRLISYRVSSQNLVAIPVYVKHNISFKENSSCGRFDITIGPKQNMGKTIEGITVTVHMPKV
VLNMNLTPTQGSYTFDPVTKVLAWDVGKITPQKLPSLKGLVNLQSGAPKPEENPNLNIQFKIQQLAISGLKVNRLDMYGE
KYKPFKGVKYITKAGKFQVRT
;
A
2 'polypeptide(L)' SDYQRL B
#
# COMPACT_ATOMS: atom_id res chain seq x y z
N PHE A 7 10.81 35.76 6.27
CA PHE A 7 10.28 35.21 4.94
C PHE A 7 10.32 33.65 4.84
N ILE A 8 9.78 32.97 5.86
CA ILE A 8 9.35 31.58 5.73
C ILE A 8 7.86 31.57 6.08
N PRO A 9 7.00 31.62 5.07
CA PRO A 9 5.58 31.78 5.33
C PRO A 9 4.89 30.64 6.11
N TRP A 10 5.46 29.43 6.04
CA TRP A 10 4.74 28.21 6.48
C TRP A 10 5.20 27.80 7.89
N ARG A 11 6.11 28.59 8.48
CA ARG A 11 6.72 28.32 9.78
C ARG A 11 7.02 29.56 10.67
N ARG A 12 6.42 29.61 11.87
CA ARG A 12 6.78 30.64 12.86
C ARG A 12 8.05 30.37 13.68
N ALA A 13 8.73 31.41 14.13
CA ALA A 13 9.97 31.23 14.87
C ALA A 13 9.64 30.94 16.34
N GLY A 14 10.60 30.43 17.10
CA GLY A 14 10.37 30.17 18.53
C GLY A 14 9.38 29.09 19.00
N VAL A 15 8.98 28.10 18.17
CA VAL A 15 8.21 26.96 18.76
C VAL A 15 9.23 26.13 19.46
N LYS A 16 8.85 25.59 20.62
CA LYS A 16 9.79 24.82 21.44
C LYS A 16 9.12 23.53 21.74
N TYR A 17 9.78 22.42 21.42
CA TYR A 17 9.31 21.12 21.90
C TYR A 17 10.21 20.63 23.00
N THR A 18 9.69 19.80 23.88
CA THR A 18 10.57 19.21 24.94
C THR A 18 11.54 18.15 24.44
N ASN A 19 11.17 17.50 23.32
CA ASN A 19 12.02 16.49 22.69
C ASN A 19 11.90 16.82 21.19
N ASN A 20 13.01 16.91 20.48
CA ASN A 20 12.93 17.28 19.06
C ASN A 20 12.93 16.03 18.22
N GLU A 21 11.86 15.86 17.44
CA GLU A 21 11.65 14.59 16.69
C GLU A 21 11.17 14.91 15.26
N ALA A 22 11.58 14.12 14.26
CA ALA A 22 11.03 14.31 12.91
C ALA A 22 10.76 12.92 12.34
N TYR A 23 9.53 12.66 11.90
CA TYR A 23 9.22 11.35 11.33
C TYR A 23 8.73 11.50 9.88
N PHE A 24 9.07 10.54 9.02
CA PHE A 24 8.49 10.51 7.64
C PHE A 24 7.85 9.17 7.44
N ASP A 25 6.71 9.17 6.74
CA ASP A 25 6.04 7.88 6.43
C ASP A 25 5.92 7.78 4.91
N VAL A 26 6.52 6.73 4.34
CA VAL A 26 6.50 6.56 2.86
C VAL A 26 5.36 5.56 2.68
N VAL A 27 4.28 5.98 2.03
CA VAL A 27 3.07 5.12 1.96
C VAL A 27 2.72 4.93 0.47
N GLU A 28 2.78 3.68 -0.01
CA GLU A 28 2.62 3.41 -1.43
C GLU A 28 1.29 2.62 -1.60
N GLU A 29 0.56 2.90 -2.66
CA GLU A 29 -0.68 2.14 -2.98
C GLU A 29 -0.44 1.44 -4.31
N ILE A 30 -0.69 0.13 -4.34
CA ILE A 30 -0.47 -0.64 -5.53
C ILE A 30 -1.83 -0.91 -6.17
N ASP A 31 -1.93 -0.52 -7.43
CA ASP A 31 -3.09 -0.96 -8.28
C ASP A 31 -2.59 -2.02 -9.27
N ALA A 32 -3.35 -3.11 -9.42
CA ALA A 32 -2.90 -4.14 -10.30
C ALA A 32 -4.16 -4.89 -10.79
N ILE A 33 -4.01 -5.43 -12.00
CA ILE A 33 -4.98 -6.42 -12.49
C ILE A 33 -4.11 -7.63 -12.87
N ILE A 34 -4.42 -8.77 -12.28
CA ILE A 34 -3.68 -9.98 -12.53
C ILE A 34 -4.59 -10.95 -13.27
N ASP A 35 -4.12 -11.54 -14.35
CA ASP A 35 -5.01 -12.45 -15.10
C ASP A 35 -5.13 -13.83 -14.45
N LYS A 36 -6.06 -14.63 -14.98
CA LYS A 36 -6.31 -15.98 -14.34
C LYS A 36 -5.11 -16.93 -14.35
N SER A 37 -4.09 -16.63 -15.16
CA SER A 37 -2.83 -17.45 -15.16
C SER A 37 -1.78 -16.91 -14.23
N GLY A 38 -2.02 -15.75 -13.61
CA GLY A 38 -1.04 -15.17 -12.67
C GLY A 38 -0.11 -14.08 -13.26
N SER A 39 -0.28 -13.76 -14.53
CA SER A 39 0.44 -12.68 -15.21
C SER A 39 -0.17 -11.34 -14.93
N THR A 40 0.69 -10.33 -14.80
CA THR A 40 0.23 -8.95 -14.59
C THR A 40 -0.33 -8.40 -15.91
N VAL A 41 -1.60 -8.00 -15.91
CA VAL A 41 -2.19 -7.30 -17.07
C VAL A 41 -1.87 -5.83 -16.98
N PHE A 42 -1.96 -5.27 -15.79
CA PHE A 42 -1.70 -3.85 -15.54
C PHE A 42 -1.20 -3.72 -14.13
N ALA A 43 -0.25 -2.81 -13.90
CA ALA A 43 0.07 -2.43 -12.51
C ALA A 43 0.71 -1.07 -12.46
N GLU A 44 0.45 -0.35 -11.38
CA GLU A 44 1.08 0.95 -11.17
C GLU A 44 1.18 1.17 -9.65
N ILE A 45 2.10 2.01 -9.25
CA ILE A 45 2.25 2.33 -7.82
C ILE A 45 2.16 3.85 -7.68
N GLN A 46 1.33 4.31 -6.77
CA GLN A 46 1.31 5.79 -6.45
C GLN A 46 1.80 5.90 -5.02
N GLY A 47 2.47 6.99 -4.65
CA GLY A 47 2.90 7.09 -3.24
C GLY A 47 2.78 8.48 -2.69
N VAL A 48 2.95 8.58 -1.38
CA VAL A 48 3.03 9.90 -0.73
C VAL A 48 4.17 9.74 0.25
N ILE A 49 4.83 10.85 0.60
CA ILE A 49 5.71 10.88 1.80
C ILE A 49 5.03 11.85 2.75
N ASP A 50 4.58 11.37 3.90
CA ASP A 50 3.93 12.23 4.92
C ASP A 50 4.98 12.52 6.00
N ALA A 51 4.88 13.69 6.65
CA ALA A 51 5.93 14.09 7.53
C ALA A 51 5.22 14.44 8.86
N CYS A 52 5.91 14.19 9.96
CA CYS A 52 5.35 14.66 11.26
C CYS A 52 6.56 15.32 11.93
N ILE A 53 6.56 16.68 12.01
CA ILE A 53 7.79 17.40 12.32
C ILE A 53 7.53 18.18 13.64
N LYS A 54 8.33 17.87 14.63
CA LYS A 54 8.10 18.39 16.02
C LYS A 54 9.48 18.82 16.37
N LEU A 55 9.92 19.88 15.69
CA LEU A 55 11.31 20.34 15.81
C LEU A 55 11.28 21.80 16.26
N SER A 56 12.13 22.13 17.25
CA SER A 56 12.17 23.50 17.85
C SER A 56 12.85 24.42 16.89
N GLY A 57 12.47 25.67 16.92
CA GLY A 57 13.23 26.66 16.18
C GLY A 57 13.01 26.63 14.66
N MET A 58 14.12 26.74 13.92
CA MET A 58 14.04 26.92 12.45
C MET A 58 14.93 25.92 11.75
N PRO A 59 14.59 24.63 11.89
CA PRO A 59 15.48 23.67 11.24
C PRO A 59 15.28 23.71 9.69
N ASP A 60 16.30 23.33 8.96
CA ASP A 60 16.33 23.32 7.51
C ASP A 60 16.75 21.88 7.14
N LEU A 61 15.89 21.12 6.46
CA LEU A 61 16.14 19.65 6.35
C LEU A 61 16.54 19.30 4.90
N SER A 62 17.30 18.24 4.74
CA SER A 62 17.61 17.74 3.40
C SER A 62 17.36 16.24 3.43
N LEU A 63 16.40 15.79 2.64
CA LEU A 63 16.03 14.35 2.58
C LEU A 63 16.45 13.83 1.21
N SER A 64 17.24 12.74 1.18
CA SER A 64 17.71 12.22 -0.08
C SER A 64 17.45 10.73 -0.11
N PHE A 65 17.55 10.16 -1.31
CA PHE A 65 17.11 8.78 -1.49
C PHE A 65 18.25 8.02 -2.10
N MET A 66 18.20 6.69 -1.95
CA MET A 66 19.12 5.84 -2.67
C MET A 66 18.83 5.77 -4.16
N ASN A 67 17.55 5.83 -4.53
CA ASN A 67 17.18 5.58 -5.92
C ASN A 67 16.15 6.60 -6.34
N PRO A 68 16.50 7.92 -6.37
CA PRO A 68 15.47 8.91 -6.70
C PRO A 68 14.88 8.85 -8.12
N ARG A 69 15.54 8.13 -9.04
CA ARG A 69 14.99 7.92 -10.35
C ARG A 69 13.63 7.19 -10.33
N LEU A 70 13.27 6.56 -9.22
CA LEU A 70 11.91 5.93 -9.16
C LEU A 70 10.77 6.94 -9.18
N LEU A 71 11.04 8.15 -8.72
CA LEU A 71 9.98 9.12 -8.54
C LEU A 71 9.60 9.86 -9.81
N ASP A 72 8.34 9.75 -10.20
CA ASP A 72 7.87 10.34 -11.44
C ASP A 72 6.63 11.18 -11.08
N ASP A 73 6.35 12.18 -11.90
CA ASP A 73 5.13 12.95 -11.77
C ASP A 73 4.93 13.45 -10.29
N VAL A 74 5.98 14.03 -9.74
CA VAL A 74 5.95 14.42 -8.32
C VAL A 74 5.20 15.75 -8.15
N SER A 75 4.36 15.82 -7.12
CA SER A 75 3.74 17.05 -6.66
C SER A 75 4.42 17.41 -5.33
N PHE A 76 4.87 18.67 -5.20
CA PHE A 76 5.67 19.03 -4.06
C PHE A 76 4.89 19.91 -3.06
N HIS A 77 5.19 19.73 -1.77
CA HIS A 77 4.66 20.72 -0.79
C HIS A 77 5.39 22.04 -1.15
N PRO A 78 4.69 23.21 -1.01
CA PRO A 78 5.42 24.50 -1.29
C PRO A 78 6.68 24.72 -0.48
N CYS A 79 6.86 24.11 0.71
CA CYS A 79 8.17 24.30 1.37
C CYS A 79 9.43 23.79 0.67
N ILE A 80 9.26 22.86 -0.27
CA ILE A 80 10.36 22.32 -1.01
C ILE A 80 11.05 23.30 -2.01
N ARG A 81 12.38 23.33 -1.98
CA ARG A 81 13.12 24.18 -2.94
C ARG A 81 13.24 23.40 -4.25
N PHE A 82 12.33 23.64 -5.17
CA PHE A 82 12.32 22.84 -6.42
C PHE A 82 13.67 22.79 -7.10
N LYS A 83 14.42 23.90 -7.09
CA LYS A 83 15.69 23.92 -7.80
C LYS A 83 16.72 22.91 -7.31
N ARG A 84 16.79 22.68 -5.99
CA ARG A 84 17.70 21.66 -5.46
C ARG A 84 17.23 20.19 -5.73
N TRP A 85 15.93 19.94 -5.86
CA TRP A 85 15.48 18.65 -6.42
C TRP A 85 15.99 18.49 -7.89
N GLU A 86 15.68 19.51 -8.70
CA GLU A 86 16.08 19.46 -10.13
C GLU A 86 17.59 19.27 -10.27
N SER A 87 18.39 19.91 -9.44
CA SER A 87 19.84 19.82 -9.58
C SER A 87 20.58 18.74 -8.80
N GLU A 88 20.02 18.27 -7.68
CA GLU A 88 20.74 17.32 -6.82
C GLU A 88 19.88 16.13 -6.41
N ARG A 89 18.60 16.14 -6.79
CA ARG A 89 17.64 15.12 -6.31
C ARG A 89 17.68 15.03 -4.76
N VAL A 90 17.69 16.19 -4.12
CA VAL A 90 17.57 16.32 -2.63
C VAL A 90 16.28 17.12 -2.44
N LEU A 91 15.44 16.70 -1.49
CA LEU A 91 14.32 17.48 -1.06
C LEU A 91 14.82 18.33 0.09
N SER A 92 14.95 19.64 -0.16
CA SER A 92 15.52 20.59 0.80
C SER A 92 14.39 21.57 1.22
N PHE A 93 14.13 21.79 2.51
CA PHE A 93 12.99 22.51 2.89
C PHE A 93 13.12 22.86 4.38
N ILE A 94 12.61 24.01 4.70
CA ILE A 94 12.30 24.37 6.11
C ILE A 94 10.87 23.98 6.31
N PRO A 95 10.62 22.93 7.12
CA PRO A 95 9.26 22.34 7.17
C PRO A 95 8.18 23.15 7.91
N PRO A 96 6.90 23.10 7.48
CA PRO A 96 5.91 23.52 8.42
C PRO A 96 6.01 22.70 9.70
N ASP A 97 5.43 23.27 10.73
CA ASP A 97 5.20 22.53 11.96
C ASP A 97 4.14 21.45 11.86
N GLY A 98 4.37 20.30 12.50
CA GLY A 98 3.31 19.32 12.62
C GLY A 98 3.23 18.37 11.43
N ASN A 99 2.02 18.04 11.04
CA ASN A 99 1.79 17.01 10.02
C ASN A 99 1.42 17.62 8.71
N PHE A 100 2.00 17.08 7.64
CA PHE A 100 1.75 17.61 6.30
C PHE A 100 2.27 16.56 5.29
N ARG A 101 1.74 16.63 4.06
CA ARG A 101 2.19 15.75 3.01
C ARG A 101 3.36 16.44 2.30
N LEU A 102 4.53 15.79 2.32
CA LEU A 102 5.73 16.37 1.73
C LEU A 102 5.68 16.32 0.20
N ILE A 103 5.54 15.10 -0.34
CA ILE A 103 5.34 14.98 -1.80
C ILE A 103 4.26 13.92 -2.06
N SER A 104 3.75 13.93 -3.28
CA SER A 104 3.06 12.74 -3.80
C SER A 104 3.76 12.40 -5.11
N TYR A 105 3.76 11.12 -5.49
CA TYR A 105 4.46 10.71 -6.68
C TYR A 105 3.77 9.48 -7.33
N ARG A 106 4.12 9.28 -8.59
CA ARG A 106 3.87 7.99 -9.27
C ARG A 106 5.20 7.29 -9.53
N VAL A 107 5.25 5.99 -9.47
CA VAL A 107 6.54 5.30 -9.60
C VAL A 107 6.78 5.08 -11.10
N SER A 108 8.06 5.26 -11.46
CA SER A 108 8.53 5.15 -12.82
C SER A 108 8.16 3.76 -13.40
N SER A 109 7.77 3.79 -14.66
CA SER A 109 7.60 2.59 -15.54
C SER A 109 8.86 1.84 -15.91
N GLN A 110 10.04 2.30 -15.53
CA GLN A 110 11.28 1.63 -15.97
C GLN A 110 11.46 0.17 -15.47
N ASN A 111 10.75 -0.18 -14.40
CA ASN A 111 10.85 -1.51 -13.83
C ASN A 111 9.44 -2.09 -13.76
N LEU A 112 9.30 -3.42 -13.78
CA LEU A 112 7.99 -3.97 -13.56
C LEU A 112 7.57 -3.73 -12.11
N VAL A 113 6.27 -3.79 -11.85
CA VAL A 113 5.77 -3.67 -10.50
C VAL A 113 5.83 -5.00 -9.75
N ALA A 114 6.42 -5.02 -8.53
CA ALA A 114 6.41 -6.25 -7.73
C ALA A 114 4.95 -6.49 -7.22
N ILE A 115 4.56 -7.74 -7.24
CA ILE A 115 3.19 -8.14 -6.91
C ILE A 115 3.28 -8.98 -5.61
N PRO A 116 2.78 -8.45 -4.49
CA PRO A 116 3.25 -9.04 -3.17
C PRO A 116 2.35 -10.19 -2.71
N VAL A 117 1.24 -10.42 -3.45
CA VAL A 117 0.31 -11.53 -3.06
C VAL A 117 -0.11 -12.32 -4.30
N TYR A 118 -0.47 -13.59 -4.11
CA TYR A 118 -1.03 -14.40 -5.19
C TYR A 118 -2.30 -15.05 -4.67
N VAL A 119 -3.15 -15.42 -5.62
CA VAL A 119 -4.38 -16.14 -5.28
C VAL A 119 -4.44 -17.40 -6.15
N LYS A 120 -4.58 -18.54 -5.50
CA LYS A 120 -4.82 -19.79 -6.27
C LYS A 120 -6.36 -19.96 -6.25
N HIS A 121 -6.94 -20.23 -7.40
CA HIS A 121 -8.38 -20.24 -7.48
C HIS A 121 -8.84 -21.48 -8.27
N ASN A 122 -9.92 -22.09 -7.80
CA ASN A 122 -10.57 -23.10 -8.58
C ASN A 122 -12.04 -22.85 -8.43
N ILE A 123 -12.63 -22.28 -9.46
CA ILE A 123 -13.97 -21.81 -9.43
C ILE A 123 -14.63 -22.40 -10.66
N SER A 124 -15.76 -23.08 -10.47
CA SER A 124 -16.49 -23.59 -11.64
C SER A 124 -17.99 -23.49 -11.42
N PHE A 125 -18.65 -22.83 -12.36
CA PHE A 125 -20.10 -22.54 -12.30
C PHE A 125 -20.76 -23.07 -13.56
N SER A 129 -26.39 -26.53 -14.40
CA SER A 129 -26.35 -27.01 -13.02
C SER A 129 -26.85 -25.96 -12.00
N SER A 130 -27.30 -26.48 -10.88
CA SER A 130 -27.78 -25.65 -9.81
C SER A 130 -26.69 -25.56 -8.71
N CYS A 131 -25.48 -26.05 -9.03
CA CYS A 131 -24.40 -26.17 -8.05
C CYS A 131 -22.98 -25.93 -8.60
N GLY A 132 -22.29 -24.91 -8.07
CA GLY A 132 -20.88 -24.65 -8.42
C GLY A 132 -19.91 -24.86 -7.25
N ARG A 133 -18.62 -24.73 -7.55
CA ARG A 133 -17.53 -24.90 -6.61
C ARG A 133 -16.81 -23.55 -6.57
N PHE A 134 -16.51 -23.04 -5.36
CA PHE A 134 -15.69 -21.82 -5.21
C PHE A 134 -14.57 -22.16 -4.19
N ASP A 135 -13.29 -22.16 -4.63
CA ASP A 135 -12.16 -22.50 -3.76
C ASP A 135 -11.03 -21.50 -4.05
N ILE A 136 -10.61 -20.74 -3.03
CA ILE A 136 -9.48 -19.80 -3.26
C ILE A 136 -8.52 -19.89 -2.08
N THR A 137 -7.24 -19.61 -2.35
CA THR A 137 -6.26 -19.63 -1.27
C THR A 137 -5.38 -18.42 -1.59
N ILE A 138 -5.04 -17.65 -0.58
CA ILE A 138 -4.20 -16.47 -0.81
C ILE A 138 -2.84 -16.72 -0.16
N GLY A 139 -1.77 -16.21 -0.78
CA GLY A 139 -0.44 -16.43 -0.19
C GLY A 139 0.48 -15.27 -0.58
N PRO A 140 1.62 -15.26 0.03
CA PRO A 140 2.61 -14.18 -0.23
C PRO A 140 3.35 -14.45 -1.51
N LYS A 141 3.68 -13.39 -2.23
CA LYS A 141 4.39 -13.57 -3.49
C LYS A 141 5.64 -12.71 -3.38
N GLN A 142 5.71 -11.51 -3.99
CA GLN A 142 6.97 -10.70 -3.88
C GLN A 142 6.81 -9.66 -2.73
N ASN A 143 6.81 -10.17 -1.49
CA ASN A 143 6.47 -9.30 -0.34
C ASN A 143 7.76 -9.16 0.54
N MET A 144 8.89 -9.63 0.06
CA MET A 144 10.18 -9.55 0.89
C MET A 144 10.05 -10.21 2.26
N GLY A 145 9.18 -11.22 2.38
CA GLY A 145 8.89 -11.84 3.67
C GLY A 145 8.23 -10.97 4.74
N LYS A 146 7.71 -9.82 4.39
CA LYS A 146 7.06 -8.97 5.35
C LYS A 146 5.62 -9.44 5.54
N THR A 147 5.13 -9.26 6.75
CA THR A 147 3.73 -9.73 7.05
C THR A 147 2.67 -8.99 6.25
N ILE A 148 1.74 -9.76 5.66
CA ILE A 148 0.61 -9.21 4.91
C ILE A 148 -0.56 -9.26 5.79
N GLU A 149 -1.09 -8.10 6.15
CA GLU A 149 -2.18 -7.99 7.10
C GLU A 149 -3.36 -7.19 6.56
N GLY A 150 -4.41 -7.14 7.36
CA GLY A 150 -5.59 -6.39 7.01
C GLY A 150 -6.24 -6.87 5.70
N ILE A 151 -6.15 -8.16 5.41
CA ILE A 151 -6.54 -8.66 4.08
C ILE A 151 -8.07 -8.81 4.03
N THR A 152 -8.69 -8.29 2.97
CA THR A 152 -10.11 -8.63 2.73
C THR A 152 -10.23 -9.01 1.26
N VAL A 153 -11.22 -9.89 0.92
CA VAL A 153 -11.42 -10.32 -0.48
C VAL A 153 -12.91 -10.06 -0.75
N THR A 154 -13.25 -9.31 -1.81
CA THR A 154 -14.66 -8.94 -2.06
C THR A 154 -14.90 -9.42 -3.48
N VAL A 155 -16.07 -10.04 -3.70
CA VAL A 155 -16.34 -10.60 -4.99
C VAL A 155 -17.78 -10.23 -5.37
N HIS A 156 -17.97 -9.55 -6.52
CA HIS A 156 -19.32 -9.24 -6.99
C HIS A 156 -19.75 -10.47 -7.81
N MET A 157 -20.59 -11.31 -7.20
CA MET A 157 -21.00 -12.56 -7.82
C MET A 157 -22.03 -12.25 -8.94
N PRO A 158 -21.99 -13.03 -10.00
CA PRO A 158 -23.00 -12.76 -11.05
C PRO A 158 -24.42 -13.17 -10.51
N LYS A 159 -25.46 -12.55 -11.08
CA LYS A 159 -26.93 -12.72 -10.68
C LYS A 159 -27.37 -14.16 -10.48
N VAL A 160 -26.83 -15.05 -11.29
CA VAL A 160 -27.16 -16.47 -11.15
C VAL A 160 -26.84 -17.13 -9.77
N VAL A 161 -25.87 -16.57 -9.03
CA VAL A 161 -25.50 -17.11 -7.76
C VAL A 161 -26.52 -16.67 -6.72
N LEU A 162 -27.10 -17.64 -6.04
CA LEU A 162 -28.22 -17.39 -5.13
C LEU A 162 -27.80 -17.24 -3.70
N ASN A 163 -27.01 -18.23 -3.26
CA ASN A 163 -26.32 -18.26 -1.94
C ASN A 163 -25.18 -19.29 -1.93
N MET A 164 -24.43 -19.39 -0.84
CA MET A 164 -23.17 -20.13 -0.91
C MET A 164 -22.98 -20.79 0.44
N ASN A 165 -22.21 -21.88 0.50
CA ASN A 165 -21.86 -22.45 1.77
C ASN A 165 -20.38 -22.73 1.79
N LEU A 166 -19.60 -21.80 2.36
CA LEU A 166 -18.16 -21.91 2.27
C LEU A 166 -17.60 -22.11 3.66
N THR A 167 -16.35 -22.54 3.71
CA THR A 167 -15.66 -22.73 4.98
C THR A 167 -14.38 -21.88 4.90
N PRO A 168 -14.25 -20.86 5.74
CA PRO A 168 -12.95 -20.13 5.80
C PRO A 168 -11.99 -20.84 6.73
N THR A 169 -10.75 -21.01 6.37
CA THR A 169 -9.77 -21.51 7.39
C THR A 169 -9.46 -20.47 8.47
N GLN A 170 -9.73 -19.18 8.19
CA GLN A 170 -9.58 -18.13 9.17
C GLN A 170 -10.42 -16.94 8.75
N GLY A 171 -10.73 -16.09 9.72
CA GLY A 171 -11.54 -14.91 9.50
C GLY A 171 -13.00 -15.32 9.34
N SER A 172 -13.79 -14.51 8.61
CA SER A 172 -15.25 -14.75 8.50
C SER A 172 -15.71 -14.22 7.16
N TYR A 173 -16.87 -14.68 6.66
CA TYR A 173 -17.32 -14.16 5.40
C TYR A 173 -18.78 -13.91 5.48
N THR A 174 -19.27 -13.04 4.63
CA THR A 174 -20.72 -12.84 4.45
C THR A 174 -21.06 -12.86 2.96
N PHE A 175 -22.31 -13.19 2.65
CA PHE A 175 -22.74 -13.12 1.27
C PHE A 175 -24.10 -12.47 1.33
N ASP A 176 -24.30 -11.42 0.54
CA ASP A 176 -25.51 -10.67 0.54
C ASP A 176 -26.30 -11.15 -0.69
N PRO A 177 -27.47 -11.82 -0.48
CA PRO A 177 -28.14 -12.42 -1.63
C PRO A 177 -28.94 -11.38 -2.45
N VAL A 178 -29.04 -10.11 -2.01
CA VAL A 178 -29.63 -9.07 -2.79
C VAL A 178 -28.53 -8.37 -3.66
N THR A 179 -27.43 -7.92 -3.03
CA THR A 179 -26.34 -7.25 -3.80
C THR A 179 -25.41 -8.21 -4.47
N LYS A 180 -25.46 -9.49 -4.08
CA LYS A 180 -24.63 -10.56 -4.62
C LYS A 180 -23.14 -10.38 -4.25
N VAL A 181 -22.87 -9.63 -3.22
CA VAL A 181 -21.45 -9.47 -2.80
C VAL A 181 -21.03 -10.52 -1.76
N LEU A 182 -19.90 -11.21 -2.02
CA LEU A 182 -19.21 -12.06 -1.04
C LEU A 182 -18.07 -11.20 -0.44
N ALA A 183 -17.96 -11.12 0.89
CA ALA A 183 -16.86 -10.31 1.51
C ALA A 183 -16.22 -11.24 2.51
N TRP A 184 -14.95 -11.53 2.34
CA TRP A 184 -14.24 -12.35 3.26
C TRP A 184 -13.20 -11.49 4.04
N ASP A 185 -13.42 -11.37 5.35
CA ASP A 185 -12.48 -10.67 6.23
C ASP A 185 -11.47 -11.76 6.62
N VAL A 186 -10.28 -11.64 6.04
CA VAL A 186 -9.25 -12.68 6.12
C VAL A 186 -8.37 -12.49 7.38
N GLY A 187 -7.90 -11.26 7.60
CA GLY A 187 -6.90 -10.97 8.66
C GLY A 187 -5.48 -10.98 8.07
N LYS A 188 -4.57 -11.72 8.68
CA LYS A 188 -3.16 -11.71 8.25
C LYS A 188 -2.67 -13.06 7.77
N ILE A 189 -1.71 -13.08 6.87
CA ILE A 189 -1.14 -14.34 6.41
C ILE A 189 -0.06 -14.82 7.39
N THR A 190 -0.23 -16.04 7.90
CA THR A 190 0.86 -16.67 8.70
C THR A 190 1.53 -17.82 7.93
N PRO A 191 2.83 -18.02 8.19
CA PRO A 191 3.70 -18.99 7.47
C PRO A 191 3.17 -20.44 7.36
N GLN A 192 2.75 -21.00 8.50
CA GLN A 192 2.41 -22.44 8.57
C GLN A 192 1.10 -22.80 7.79
N LYS A 193 0.13 -21.87 7.74
CA LYS A 193 -1.22 -22.18 7.26
C LYS A 193 -1.83 -21.04 6.45
N LEU A 194 -1.84 -21.17 5.12
CA LEU A 194 -2.39 -20.13 4.24
C LEU A 194 -3.92 -19.97 4.38
N PRO A 195 -4.43 -18.73 4.31
CA PRO A 195 -5.89 -18.60 4.42
C PRO A 195 -6.59 -19.16 3.19
N SER A 196 -7.66 -19.94 3.41
CA SER A 196 -8.43 -20.41 2.25
C SER A 196 -9.94 -20.36 2.57
N LEU A 197 -10.74 -20.19 1.51
CA LEU A 197 -12.17 -20.12 1.58
C LEU A 197 -12.70 -21.08 0.50
N LYS A 198 -13.42 -22.15 0.91
CA LYS A 198 -13.77 -23.18 -0.10
C LYS A 198 -15.17 -23.75 0.25
N GLY A 199 -15.93 -24.05 -0.78
CA GLY A 199 -17.23 -24.73 -0.60
C GLY A 199 -18.06 -24.68 -1.86
N LEU A 200 -19.36 -24.91 -1.71
CA LEU A 200 -20.24 -24.97 -2.84
C LEU A 200 -21.07 -23.72 -2.96
N VAL A 201 -21.52 -23.43 -4.18
CA VAL A 201 -22.32 -22.25 -4.45
C VAL A 201 -23.66 -22.73 -5.09
N ASN A 202 -24.78 -22.20 -4.64
CA ASN A 202 -26.07 -22.55 -5.28
C ASN A 202 -26.37 -21.66 -6.47
N LEU A 203 -26.73 -22.25 -7.61
CA LEU A 203 -27.03 -21.48 -8.81
C LEU A 203 -28.50 -21.57 -9.21
N GLN A 204 -28.97 -20.53 -9.88
CA GLN A 204 -30.29 -20.60 -10.48
C GLN A 204 -30.22 -21.35 -11.83
N SER A 205 -30.35 -22.67 -11.76
CA SER A 205 -30.40 -23.64 -12.90
C SER A 205 -30.90 -23.05 -14.26
N GLY A 206 -29.98 -22.62 -15.12
CA GLY A 206 -30.32 -21.95 -16.39
C GLY A 206 -29.72 -20.57 -16.56
N PRO A 210 -23.15 -19.01 -17.58
CA PRO A 210 -22.11 -18.27 -16.81
C PRO A 210 -20.76 -18.10 -17.61
N GLU A 211 -20.46 -16.91 -18.15
CA GLU A 211 -19.36 -16.79 -19.18
C GLU A 211 -17.89 -16.78 -18.65
N GLU A 212 -17.55 -15.72 -17.92
CA GLU A 212 -16.27 -15.61 -17.17
C GLU A 212 -16.51 -15.86 -15.64
N ASN A 213 -15.56 -16.46 -14.95
CA ASN A 213 -15.55 -16.46 -13.47
C ASN A 213 -15.45 -15.02 -12.90
N PRO A 214 -15.87 -14.82 -11.64
CA PRO A 214 -15.93 -13.46 -11.11
C PRO A 214 -14.51 -12.96 -10.72
N ASN A 215 -14.34 -11.64 -10.70
CA ASN A 215 -13.04 -11.04 -10.31
C ASN A 215 -12.91 -11.06 -8.75
N LEU A 216 -11.68 -11.14 -8.22
CA LEU A 216 -11.49 -11.10 -6.79
C LEU A 216 -10.84 -9.74 -6.47
N ASN A 217 -11.43 -8.92 -5.63
CA ASN A 217 -10.89 -7.61 -5.29
C ASN A 217 -10.28 -7.73 -3.90
N ILE A 218 -9.00 -7.39 -3.81
CA ILE A 218 -8.25 -7.71 -2.57
C ILE A 218 -7.75 -6.40 -1.93
N GLN A 219 -7.95 -6.27 -0.60
CA GLN A 219 -7.33 -5.17 0.19
C GLN A 219 -6.25 -5.79 1.10
N PHE A 220 -5.18 -5.05 1.39
CA PHE A 220 -4.13 -5.60 2.27
C PHE A 220 -3.18 -4.42 2.60
N LYS A 221 -2.36 -4.63 3.63
CA LYS A 221 -1.38 -3.65 4.03
C LYS A 221 -0.15 -4.44 4.46
N ILE A 222 1.03 -3.85 4.18
CA ILE A 222 2.29 -4.54 4.44
C ILE A 222 3.25 -3.49 5.07
N GLN A 223 3.54 -3.66 6.37
CA GLN A 223 4.52 -2.76 7.06
C GLN A 223 5.93 -3.11 6.71
N GLN A 224 6.78 -2.07 6.74
CA GLN A 224 8.22 -2.17 6.53
C GLN A 224 8.55 -2.51 5.07
N LEU A 225 7.65 -2.14 4.15
CA LEU A 225 7.89 -2.38 2.72
C LEU A 225 7.36 -1.18 1.91
N ALA A 226 8.20 -0.61 1.08
CA ALA A 226 7.77 0.24 -0.05
C ALA A 226 7.95 -0.60 -1.31
N ILE A 227 6.82 -1.00 -1.86
CA ILE A 227 6.88 -2.03 -2.95
C ILE A 227 7.64 -1.53 -4.17
N SER A 228 7.75 -0.19 -4.34
CA SER A 228 8.52 0.39 -5.44
C SER A 228 10.00 0.14 -5.28
N GLY A 229 10.40 -0.15 -4.05
CA GLY A 229 11.83 -0.22 -3.74
C GLY A 229 12.40 1.10 -3.22
N LEU A 230 11.58 2.16 -3.21
CA LEU A 230 12.09 3.50 -2.73
C LEU A 230 12.75 3.40 -1.37
N LYS A 231 13.96 3.97 -1.23
CA LYS A 231 14.62 3.86 0.07
C LYS A 231 15.30 5.23 0.40
N VAL A 232 15.11 5.71 1.60
CA VAL A 232 15.76 6.96 1.97
C VAL A 232 17.28 6.74 2.17
N ASN A 233 18.09 7.69 1.77
CA ASN A 233 19.52 7.67 2.05
C ASN A 233 19.76 8.38 3.41
N ARG A 234 19.57 9.70 3.44
CA ARG A 234 19.90 10.46 4.68
C ARG A 234 18.87 11.52 4.86
N LEU A 235 18.73 11.92 6.11
CA LEU A 235 18.02 13.11 6.47
C LEU A 235 19.00 13.93 7.30
N ASP A 236 19.39 15.10 6.76
CA ASP A 236 20.35 16.04 7.44
C ASP A 236 19.60 17.27 7.86
N MET A 237 19.94 17.83 9.04
CA MET A 237 19.27 19.02 9.53
C MET A 237 20.32 20.11 9.62
N TYR A 238 20.01 21.29 9.08
CA TYR A 238 20.91 22.47 9.25
C TYR A 238 20.19 23.57 10.00
N GLY A 239 21.00 24.53 10.46
CA GLY A 239 20.46 25.76 11.06
C GLY A 239 20.11 25.65 12.53
N GLU A 240 19.97 24.45 13.07
CA GLU A 240 19.83 24.29 14.50
C GLU A 240 20.94 23.35 14.87
N LYS A 241 21.36 23.37 16.13
CA LYS A 241 22.52 22.53 16.56
C LYS A 241 22.14 21.39 17.53
N TYR A 242 20.88 21.32 17.96
CA TYR A 242 20.43 20.14 18.73
C TYR A 242 20.47 18.83 17.87
N LYS A 243 20.36 17.65 18.50
CA LYS A 243 20.45 16.38 17.75
C LYS A 243 19.06 15.75 17.88
N PRO A 244 18.22 15.86 16.83
CA PRO A 244 16.85 15.35 17.01
C PRO A 244 16.76 13.87 16.72
N PHE A 245 15.67 13.24 17.13
CA PHE A 245 15.43 11.88 16.66
C PHE A 245 14.88 12.03 15.25
N LYS A 246 15.31 11.19 14.33
CA LYS A 246 14.82 11.26 12.95
C LYS A 246 14.49 9.82 12.55
N GLY A 247 13.28 9.58 11.99
CA GLY A 247 13.01 8.18 11.54
C GLY A 247 12.12 8.17 10.32
N VAL A 248 12.14 7.02 9.63
CA VAL A 248 11.28 6.82 8.46
C VAL A 248 10.67 5.42 8.61
N LYS A 249 9.39 5.32 8.24
CA LYS A 249 8.64 4.03 8.20
C LYS A 249 8.11 3.92 6.74
N TYR A 250 7.95 2.68 6.24
CA TYR A 250 7.43 2.44 4.90
C TYR A 250 6.22 1.48 5.02
N ILE A 251 5.19 1.70 4.22
CA ILE A 251 4.03 0.81 4.22
C ILE A 251 3.51 0.74 2.80
N THR A 252 3.06 -0.46 2.41
CA THR A 252 2.42 -0.58 1.08
C THR A 252 1.00 -1.06 1.37
N LYS A 253 0.03 -0.52 0.65
CA LYS A 253 -1.28 -1.03 0.76
C LYS A 253 -1.85 -1.27 -0.65
N ALA A 254 -2.85 -2.15 -0.76
CA ALA A 254 -3.58 -2.24 -2.04
C ALA A 254 -4.43 -1.00 -2.30
N GLY A 255 -4.45 -0.56 -3.56
CA GLY A 255 -5.36 0.51 -4.01
C GLY A 255 -6.51 -0.31 -4.60
N LYS A 256 -6.56 -0.43 -5.92
CA LYS A 256 -7.50 -1.30 -6.60
C LYS A 256 -6.70 -2.48 -7.12
N PHE A 257 -6.79 -3.63 -6.44
CA PHE A 257 -5.98 -4.80 -6.75
C PHE A 257 -6.95 -5.95 -7.05
N GLN A 258 -6.86 -6.50 -8.24
CA GLN A 258 -7.87 -7.42 -8.66
C GLN A 258 -7.19 -8.64 -9.24
N VAL A 259 -7.65 -9.82 -8.87
CA VAL A 259 -7.19 -11.07 -9.53
C VAL A 259 -8.41 -11.61 -10.35
N ARG A 260 -8.19 -11.85 -11.62
CA ARG A 260 -9.24 -12.45 -12.46
C ARG A 260 -9.17 -13.98 -12.42
N THR A 261 -10.30 -14.65 -12.64
CA THR A 261 -10.28 -16.10 -12.39
C THR A 261 -10.89 -16.91 -13.58
N ASP B 2 10.10 0.61 15.46
CA ASP B 2 9.07 0.76 14.35
C ASP B 2 9.59 1.65 13.18
N TYR B 3 10.13 2.80 13.52
CA TYR B 3 10.74 3.69 12.53
C TYR B 3 12.20 3.26 12.34
N GLN B 4 12.71 3.31 11.12
CA GLN B 4 14.12 3.13 10.87
C GLN B 4 14.81 4.46 11.20
N ARG B 5 15.78 4.42 12.12
CA ARG B 5 16.51 5.65 12.56
C ARG B 5 17.39 6.25 11.45
N LEU B 6 17.31 7.56 11.25
CA LEU B 6 18.23 8.23 10.35
C LEU B 6 19.24 9.07 11.17
#